data_4TTS
#
_entry.id   4TTS
#
_cell.length_a   103.636
_cell.length_b   54.378
_cell.length_c   61.009
_cell.angle_alpha   90.00
_cell.angle_beta   90.00
_cell.angle_gamma   90.00
#
_symmetry.space_group_name_H-M   'P 21 21 2'
#
loop_
_entity.id
_entity.type
_entity.pdbx_description
1 polymer '10-formyltetrahydrofolate dehydrogenase'
2 non-polymer 'N-(4-{[(2-amino-4-hydroxyquinazolin-6-yl)methyl](formyl)amino}benzoyl)-L-glutamic acid'
3 water water
#
_entity_poly.entity_id   1
_entity_poly.type   'polypeptide(L)'
_entity_poly.pdbx_seq_one_letter_code
;MKIAVIGQSLFGQEVYKELKNEGHMIVGVFTIPDKDGKVDPLAIEAEKDGVPVFKFPRWRLKGKAITEVVDQYKAVGAEL
NVLPFCSQFIPMEVIDHPKHGSIIYHPSLLPRHRGASAINWTLIHGDKKGGFTVFWADDGLDTGPILLQRECDVEPNDNV
NSIYKRFLFPEGVKGMVEAVRLIATGKAPRIKQPEEGATAECIQKKENSKIDWNQPAEAIHNWIRGNDRVPGAWAEIDGK
SVSFYGSTLLENDHFSSNGQPLEIPGASRAALVTKNGLVLFGNDGKMLLVKNLQFEDGKMIPGSQYFKAGVEHHHHHH
;
_entity_poly.pdbx_strand_id   A
#
# COMPACT_ATOMS: atom_id res chain seq x y z
N MET A 1 13.54 -21.15 12.98
CA MET A 1 14.49 -20.22 13.57
C MET A 1 13.76 -19.24 14.48
N LYS A 2 14.49 -18.39 15.19
CA LYS A 2 13.89 -17.39 16.06
C LYS A 2 13.63 -16.08 15.32
N ILE A 3 12.37 -15.63 15.33
CA ILE A 3 11.95 -14.51 14.51
C ILE A 3 11.21 -13.45 15.32
N ALA A 4 11.61 -12.19 15.11
CA ALA A 4 10.82 -11.06 15.55
C ALA A 4 10.02 -10.53 14.36
N VAL A 5 8.70 -10.42 14.51
CA VAL A 5 7.86 -9.87 13.46
C VAL A 5 7.56 -8.41 13.77
N ILE A 6 7.92 -7.51 12.85
CA ILE A 6 7.75 -6.07 13.09
C ILE A 6 6.86 -5.48 11.99
N GLY A 7 5.63 -5.13 12.36
CA GLY A 7 4.64 -4.64 11.40
C GLY A 7 3.21 -4.68 11.91
N GLN A 8 2.24 -4.82 11.00
CA GLN A 8 0.84 -4.66 11.37
C GLN A 8 -0.15 -5.16 10.30
N SER A 9 -1.42 -4.87 10.53
CA SER A 9 -2.51 -5.21 9.61
C SER A 9 -2.70 -6.70 9.39
N LEU A 10 -3.74 -7.02 8.64
CA LEU A 10 -4.07 -8.40 8.28
C LEU A 10 -2.86 -9.08 7.63
N PHE A 11 -2.06 -8.31 6.91
CA PHE A 11 -0.93 -8.88 6.17
C PHE A 11 0.15 -9.37 7.13
N GLY A 12 0.47 -8.53 8.11
CA GLY A 12 1.43 -8.90 9.14
C GLY A 12 0.95 -10.06 9.98
N GLN A 13 -0.37 -10.17 10.14
CA GLN A 13 -0.98 -11.24 10.91
C GLN A 13 -0.85 -12.54 10.14
N GLU A 14 -1.15 -12.51 8.83
CA GLU A 14 -1.06 -13.72 8.01
C GLU A 14 0.37 -14.23 7.87
N VAL A 15 1.33 -13.32 7.80
CA VAL A 15 2.74 -13.70 7.71
C VAL A 15 3.19 -14.32 9.04
N TYR A 16 2.83 -13.68 10.15
CA TYR A 16 3.04 -14.25 11.48
C TYR A 16 2.47 -15.67 11.56
N LYS A 17 1.22 -15.84 11.13
CA LYS A 17 0.53 -17.11 11.26
C LYS A 17 1.18 -18.21 10.43
N GLU A 18 1.61 -17.85 9.22
CA GLU A 18 2.22 -18.85 8.37
C GLU A 18 3.60 -19.27 8.88
N LEU A 19 4.40 -18.31 9.32
CA LEU A 19 5.74 -18.63 9.84
C LEU A 19 5.65 -19.50 11.09
N LYS A 20 4.69 -19.18 11.96
CA LYS A 20 4.43 -20.00 13.15
C LYS A 20 4.02 -21.43 12.75
N ASN A 21 3.15 -21.55 11.75
CA ASN A 21 2.75 -22.86 11.23
C ASN A 21 3.90 -23.65 10.60
N GLU A 22 4.94 -22.95 10.16
CA GLU A 22 6.11 -23.59 9.56
C GLU A 22 7.15 -23.97 10.60
N GLY A 23 6.80 -23.80 11.87
CA GLY A 23 7.67 -24.26 12.95
C GLY A 23 8.63 -23.25 13.51
N HIS A 24 8.55 -22.00 13.04
CA HIS A 24 9.47 -20.97 13.52
C HIS A 24 9.04 -20.50 14.90
N MET A 25 10.01 -20.15 15.73
CA MET A 25 9.71 -19.59 17.05
C MET A 25 9.57 -18.07 16.96
N ILE A 26 8.34 -17.58 17.06
CA ILE A 26 8.13 -16.15 17.06
C ILE A 26 8.44 -15.63 18.46
N VAL A 27 9.59 -14.98 18.62
CA VAL A 27 10.05 -14.59 19.95
C VAL A 27 9.50 -13.24 20.39
N GLY A 28 8.84 -12.55 19.46
CA GLY A 28 8.27 -11.25 19.75
C GLY A 28 7.59 -10.66 18.55
N VAL A 29 6.48 -9.97 18.82
CA VAL A 29 5.72 -9.23 17.82
C VAL A 29 5.73 -7.76 18.22
N PHE A 30 6.17 -6.91 17.29
CA PHE A 30 6.35 -5.49 17.56
C PHE A 30 5.46 -4.70 16.61
N THR A 31 4.47 -4.02 17.16
CA THR A 31 3.40 -3.46 16.35
C THR A 31 2.94 -2.08 16.83
N ILE A 32 1.94 -1.51 16.15
CA ILE A 32 1.37 -0.22 16.53
C ILE A 32 0.48 -0.34 17.76
N PRO A 33 0.38 0.74 18.54
CA PRO A 33 -0.62 0.83 19.61
C PRO A 33 -2.03 0.75 19.05
N ASP A 34 -2.97 0.24 19.84
CA ASP A 34 -4.39 0.28 19.52
C ASP A 34 -4.79 1.70 19.10
N LYS A 35 -5.87 1.84 18.34
CA LYS A 35 -6.18 3.14 17.75
C LYS A 35 -7.38 4.00 18.26
N ASP A 36 -7.58 4.19 19.57
CA ASP A 36 -7.05 3.33 20.62
C ASP A 36 -8.09 2.26 20.89
N GLY A 37 -9.20 2.34 20.13
CA GLY A 37 -10.22 1.31 20.16
C GLY A 37 -9.67 -0.06 19.80
N LYS A 38 -9.62 -0.37 18.51
CA LYS A 38 -9.22 -1.70 18.05
C LYS A 38 -7.74 -2.04 18.24
N VAL A 39 -7.49 -3.27 18.67
CA VAL A 39 -6.15 -3.82 18.72
C VAL A 39 -5.81 -4.34 17.32
N ASP A 40 -4.61 -4.08 16.85
CA ASP A 40 -4.15 -4.53 15.54
C ASP A 40 -4.25 -6.05 15.42
N PRO A 41 -4.71 -6.53 14.24
CA PRO A 41 -4.89 -7.96 13.98
C PRO A 41 -3.68 -8.82 14.38
N LEU A 42 -2.48 -8.23 14.32
CA LEU A 42 -1.24 -8.96 14.59
C LEU A 42 -1.01 -9.21 16.07
N ALA A 43 -1.36 -8.23 16.91
CA ALA A 43 -1.23 -8.37 18.36
C ALA A 43 -2.27 -9.35 18.91
N ILE A 44 -3.47 -9.29 18.34
CA ILE A 44 -4.56 -10.18 18.69
C ILE A 44 -4.16 -11.66 18.48
N GLU A 45 -3.65 -11.98 17.29
CA GLU A 45 -3.23 -13.36 17.01
C GLU A 45 -2.03 -13.79 17.86
N ALA A 46 -1.13 -12.86 18.15
CA ALA A 46 0.08 -13.20 18.89
C ALA A 46 -0.22 -13.56 20.35
N GLU A 47 -1.01 -12.71 21.02
CA GLU A 47 -1.38 -12.95 22.43
C GLU A 47 -2.25 -14.19 22.57
N LYS A 48 -3.11 -14.42 21.58
CA LYS A 48 -3.90 -15.65 21.49
C LYS A 48 -2.96 -16.88 21.52
N ASP A 49 -1.73 -16.69 21.05
CA ASP A 49 -0.73 -17.77 21.00
C ASP A 49 0.24 -17.74 22.18
N GLY A 50 0.23 -16.65 22.95
CA GLY A 50 1.12 -16.52 24.10
C GLY A 50 2.48 -15.91 23.78
N VAL A 51 2.53 -15.16 22.67
CA VAL A 51 3.78 -14.58 22.19
C VAL A 51 3.90 -13.14 22.65
N PRO A 52 5.09 -12.76 23.14
CA PRO A 52 5.31 -11.39 23.62
C PRO A 52 4.90 -10.32 22.60
N VAL A 53 3.86 -9.54 22.94
CA VAL A 53 3.36 -8.43 22.14
C VAL A 53 3.97 -7.10 22.63
N PHE A 54 4.40 -6.26 21.69
CA PHE A 54 4.94 -4.93 22.02
C PHE A 54 4.20 -3.85 21.22
N LYS A 55 3.87 -2.75 21.88
CA LYS A 55 3.16 -1.66 21.22
C LYS A 55 3.91 -0.34 21.35
N PHE A 56 5.21 -0.37 21.06
CA PHE A 56 6.03 0.84 21.07
C PHE A 56 5.40 1.96 20.25
N PRO A 57 5.57 3.22 20.70
CA PRO A 57 4.95 4.36 20.00
C PRO A 57 5.72 4.67 18.72
N ARG A 58 6.95 5.14 18.87
CA ARG A 58 7.90 5.26 17.77
C ARG A 58 9.30 4.95 18.33
N TRP A 59 10.25 4.58 17.46
CA TRP A 59 11.59 4.21 17.93
C TRP A 59 12.54 5.42 17.83
N ARG A 60 12.32 6.24 16.79
CA ARG A 60 13.18 7.36 16.43
C ARG A 60 12.65 8.74 16.88
N LEU A 61 13.59 9.66 17.10
CA LEU A 61 13.33 11.06 17.46
C LEU A 61 14.65 11.79 17.72
N LYS A 62 14.71 13.09 17.41
CA LYS A 62 15.93 13.89 17.56
C LYS A 62 17.10 13.26 16.81
N GLY A 63 16.76 12.59 15.71
CA GLY A 63 17.72 11.90 14.85
C GLY A 63 18.20 10.55 15.38
N LYS A 64 17.48 10.00 16.36
CA LYS A 64 18.03 8.92 17.18
C LYS A 64 17.02 7.86 17.68
N ALA A 65 17.52 6.63 17.92
CA ALA A 65 16.75 5.58 18.59
C ALA A 65 17.03 5.62 20.08
N ILE A 66 16.04 5.25 20.88
CA ILE A 66 16.20 5.21 22.33
C ILE A 66 17.04 4.00 22.76
N THR A 67 17.09 3.76 24.07
CA THR A 67 17.62 2.51 24.60
C THR A 67 16.48 1.71 25.21
N GLU A 68 15.41 2.39 25.60
CA GLU A 68 14.28 1.70 26.21
C GLU A 68 13.48 0.93 25.16
N VAL A 69 13.54 1.42 23.92
CA VAL A 69 12.85 0.77 22.81
C VAL A 69 13.77 -0.31 22.21
N VAL A 70 15.06 -0.01 22.10
CA VAL A 70 16.06 -0.97 21.65
C VAL A 70 16.19 -2.16 22.59
N ASP A 71 16.34 -1.88 23.88
CA ASP A 71 16.61 -2.92 24.86
C ASP A 71 15.50 -3.96 25.00
N GLN A 72 14.26 -3.50 25.01
CA GLN A 72 13.14 -4.43 25.07
C GLN A 72 13.12 -5.29 23.79
N TYR A 73 13.46 -4.71 22.65
CA TYR A 73 13.60 -5.47 21.41
C TYR A 73 14.71 -6.52 21.50
N LYS A 74 15.91 -6.11 21.88
CA LYS A 74 17.07 -7.01 21.85
C LYS A 74 16.93 -8.20 22.78
N ALA A 75 16.12 -8.03 23.83
CA ALA A 75 15.91 -9.06 24.85
C ALA A 75 15.38 -10.37 24.26
N VAL A 76 14.46 -10.24 23.30
CA VAL A 76 13.78 -11.43 22.78
C VAL A 76 14.68 -12.38 21.98
N GLY A 77 15.90 -11.96 21.67
CA GLY A 77 16.88 -12.82 21.01
C GLY A 77 16.55 -13.29 19.60
N ALA A 78 15.99 -12.42 18.78
CA ALA A 78 15.65 -12.78 17.41
C ALA A 78 16.87 -13.14 16.57
N GLU A 79 16.72 -14.14 15.72
CA GLU A 79 17.75 -14.50 14.74
C GLU A 79 17.47 -13.86 13.37
N LEU A 80 16.22 -13.45 13.16
CA LEU A 80 15.81 -12.75 11.94
C LEU A 80 14.64 -11.83 12.27
N ASN A 81 14.71 -10.59 11.78
CA ASN A 81 13.55 -9.71 11.81
C ASN A 81 12.81 -9.81 10.48
N VAL A 82 11.49 -9.93 10.56
CA VAL A 82 10.63 -9.96 9.38
C VAL A 82 9.71 -8.76 9.48
N LEU A 83 9.71 -7.92 8.45
CA LEU A 83 8.91 -6.68 8.45
C LEU A 83 7.88 -6.72 7.35
N PRO A 84 6.72 -7.35 7.62
CA PRO A 84 5.69 -7.58 6.58
C PRO A 84 5.13 -6.25 6.09
N PHE A 85 4.44 -5.54 6.97
CA PHE A 85 3.99 -4.22 6.59
C PHE A 85 4.27 -3.27 7.75
N CYS A 86 5.40 -2.58 7.66
CA CYS A 86 5.87 -1.76 8.77
C CYS A 86 5.63 -0.26 8.54
N SER A 87 4.64 0.28 9.23
CA SER A 87 4.23 1.68 9.06
C SER A 87 5.33 2.71 9.35
N GLN A 88 6.48 2.27 9.84
CA GLN A 88 7.56 3.21 10.11
C GLN A 88 8.99 2.71 9.88
N PHE A 89 9.91 3.66 9.87
CA PHE A 89 11.33 3.38 9.69
C PHE A 89 11.94 2.89 11.01
N ILE A 90 12.70 1.79 10.92
CA ILE A 90 13.29 1.13 12.08
C ILE A 90 14.79 1.42 12.16
N PRO A 91 15.30 1.73 13.36
CA PRO A 91 16.71 2.06 13.61
C PRO A 91 17.66 0.93 13.21
N MET A 92 18.83 1.26 12.66
CA MET A 92 19.78 0.24 12.21
C MET A 92 20.27 -0.64 13.35
N GLU A 93 20.15 -0.14 14.58
CA GLU A 93 20.59 -0.87 15.75
C GLU A 93 19.71 -2.10 15.91
N VAL A 94 18.42 -1.93 15.59
CA VAL A 94 17.46 -3.02 15.64
C VAL A 94 17.58 -3.90 14.39
N ILE A 95 17.71 -3.24 13.25
CA ILE A 95 17.77 -3.92 11.95
C ILE A 95 19.00 -4.84 11.83
N ASP A 96 20.13 -4.38 12.34
CA ASP A 96 21.39 -5.14 12.24
C ASP A 96 21.62 -6.13 13.38
N HIS A 97 20.77 -6.07 14.40
CA HIS A 97 21.00 -6.93 15.56
C HIS A 97 21.02 -8.46 15.32
N PRO A 98 20.00 -9.02 14.66
CA PRO A 98 19.96 -10.48 14.56
C PRO A 98 21.04 -11.01 13.65
N LYS A 99 21.48 -12.24 13.85
CA LYS A 99 22.52 -12.83 13.02
C LYS A 99 22.17 -12.78 11.53
N HIS A 100 20.89 -12.84 11.20
CA HIS A 100 20.48 -12.83 9.79
C HIS A 100 19.98 -11.47 9.30
N GLY A 101 20.06 -10.45 10.15
CA GLY A 101 19.56 -9.13 9.80
C GLY A 101 18.04 -9.07 9.70
N SER A 102 17.54 -8.29 8.73
CA SER A 102 16.09 -8.07 8.63
C SER A 102 15.68 -8.14 7.17
N ILE A 103 14.50 -8.70 6.90
CA ILE A 103 13.93 -8.68 5.55
C ILE A 103 12.61 -7.91 5.56
N ILE A 104 12.32 -7.22 4.46
CA ILE A 104 11.16 -6.32 4.36
C ILE A 104 10.33 -6.65 3.13
N TYR A 105 9.02 -6.66 3.29
CA TYR A 105 8.09 -6.80 2.16
C TYR A 105 7.81 -5.43 1.56
N HIS A 106 7.87 -5.34 0.25
CA HIS A 106 7.56 -4.09 -0.41
C HIS A 106 6.77 -4.34 -1.68
N PRO A 107 5.58 -3.76 -1.77
CA PRO A 107 4.69 -4.10 -2.89
C PRO A 107 4.99 -3.34 -4.18
N SER A 108 6.24 -3.37 -4.63
CA SER A 108 6.56 -2.92 -5.98
C SER A 108 7.74 -3.71 -6.51
N LEU A 109 8.00 -3.55 -7.81
CA LEU A 109 9.15 -4.18 -8.44
C LEU A 109 10.37 -3.28 -8.25
N LEU A 110 10.98 -3.35 -7.07
CA LEU A 110 12.16 -2.53 -6.81
C LEU A 110 13.21 -2.79 -7.89
N PRO A 111 13.94 -1.74 -8.30
CA PRO A 111 14.10 -0.42 -7.68
C PRO A 111 13.01 0.61 -8.03
N ARG A 112 12.02 0.20 -8.82
CA ARG A 112 10.91 1.08 -9.14
C ARG A 112 9.96 1.26 -7.95
N HIS A 113 9.47 2.50 -7.79
CA HIS A 113 8.51 2.83 -6.72
C HIS A 113 9.00 2.55 -5.29
N ARG A 114 10.18 3.02 -4.95
CA ARG A 114 10.54 3.09 -3.54
C ARG A 114 9.58 4.06 -2.87
N GLY A 115 9.29 3.84 -1.58
CA GLY A 115 8.37 4.72 -0.87
C GLY A 115 7.18 3.98 -0.32
N ALA A 116 6.42 4.62 0.54
CA ALA A 116 5.41 3.93 1.33
C ALA A 116 4.08 3.74 0.59
N SER A 117 3.90 4.43 -0.53
CA SER A 117 2.66 4.30 -1.31
C SER A 117 2.90 3.68 -2.69
N ALA A 118 3.74 2.65 -2.74
CA ALA A 118 4.20 2.05 -4.00
C ALA A 118 3.04 1.49 -4.84
N ILE A 119 2.02 0.96 -4.18
CA ILE A 119 0.89 0.40 -4.92
C ILE A 119 0.17 1.52 -5.60
N ASN A 120 -0.13 2.58 -4.85
CA ASN A 120 -0.72 3.76 -5.45
C ASN A 120 0.04 4.23 -6.69
N TRP A 121 1.35 4.41 -6.58
CA TRP A 121 2.11 4.96 -7.71
C TRP A 121 2.23 4.00 -8.90
N THR A 122 2.22 2.70 -8.63
CA THR A 122 2.19 1.70 -9.72
C THR A 122 1.02 1.97 -10.66
N LEU A 123 -0.15 2.23 -10.07
CA LEU A 123 -1.38 2.49 -10.83
C LEU A 123 -1.46 3.91 -11.36
N ILE A 124 -1.07 4.88 -10.53
CA ILE A 124 -1.07 6.29 -10.97
C ILE A 124 -0.24 6.48 -12.24
N HIS A 125 0.89 5.78 -12.32
CA HIS A 125 1.76 5.88 -13.50
C HIS A 125 1.31 5.00 -14.67
N GLY A 126 0.27 4.19 -14.42
CA GLY A 126 -0.27 3.28 -15.41
C GLY A 126 0.67 2.17 -15.85
N ASP A 127 1.49 1.69 -14.92
CA ASP A 127 2.43 0.60 -15.23
C ASP A 127 1.64 -0.60 -15.70
N LYS A 128 2.18 -1.33 -16.67
CA LYS A 128 1.59 -2.58 -17.16
C LYS A 128 1.89 -3.80 -16.28
N LYS A 129 3.04 -3.77 -15.59
CA LYS A 129 3.42 -4.84 -14.67
C LYS A 129 3.58 -4.29 -13.27
N GLY A 130 3.31 -5.11 -12.26
CA GLY A 130 3.52 -4.70 -10.89
C GLY A 130 4.01 -5.93 -10.13
N GLY A 131 4.06 -5.83 -8.81
CA GLY A 131 4.44 -6.99 -8.02
C GLY A 131 5.01 -6.58 -6.68
N PHE A 132 5.79 -7.47 -6.10
CA PHE A 132 6.40 -7.17 -4.83
C PHE A 132 7.81 -7.69 -4.76
N THR A 133 8.54 -7.21 -3.75
CA THR A 133 9.92 -7.58 -3.54
C THR A 133 10.09 -7.94 -2.08
N VAL A 134 10.89 -8.96 -1.79
CA VAL A 134 11.37 -9.15 -0.42
C VAL A 134 12.84 -8.77 -0.47
N PHE A 135 13.25 -7.81 0.36
CA PHE A 135 14.62 -7.32 0.31
C PHE A 135 15.23 -7.23 1.70
N TRP A 136 16.55 -7.20 1.74
CA TRP A 136 17.30 -7.14 2.98
C TRP A 136 17.40 -5.67 3.39
N ALA A 137 16.95 -5.34 4.59
CA ALA A 137 16.95 -3.94 5.01
C ALA A 137 18.37 -3.36 5.09
N ASP A 138 18.54 -2.19 4.51
CA ASP A 138 19.72 -1.38 4.84
C ASP A 138 19.31 0.00 5.39
N ASP A 139 20.24 0.94 5.43
CA ASP A 139 19.99 2.25 6.05
C ASP A 139 19.20 3.21 5.15
N GLY A 140 19.08 2.85 3.88
CA GLY A 140 18.38 3.69 2.92
C GLY A 140 16.90 3.33 2.91
N LEU A 141 16.12 4.05 2.11
CA LEU A 141 14.69 3.78 2.03
C LEU A 141 14.43 2.83 0.87
N ASP A 142 14.11 1.57 1.18
CA ASP A 142 13.80 0.59 0.15
C ASP A 142 14.92 0.40 -0.87
N THR A 143 16.16 0.52 -0.41
CA THR A 143 17.33 0.44 -1.29
C THR A 143 18.15 -0.86 -1.13
N GLY A 144 17.78 -1.69 -0.16
CA GLY A 144 18.57 -2.87 0.16
C GLY A 144 18.49 -3.97 -0.89
N PRO A 145 19.48 -4.89 -0.86
CA PRO A 145 19.59 -5.96 -1.86
C PRO A 145 18.37 -6.89 -1.90
N ILE A 146 18.04 -7.32 -3.11
CA ILE A 146 16.85 -8.12 -3.34
C ILE A 146 17.10 -9.58 -2.91
N LEU A 147 16.15 -10.16 -2.18
CA LEU A 147 16.17 -11.60 -1.86
C LEU A 147 15.33 -12.33 -2.91
N LEU A 148 14.06 -11.97 -3.04
CA LEU A 148 13.25 -12.44 -4.16
C LEU A 148 12.27 -11.36 -4.64
N GLN A 149 11.71 -11.57 -5.83
CA GLN A 149 10.75 -10.64 -6.42
C GLN A 149 9.70 -11.47 -7.18
N ARG A 150 8.46 -11.00 -7.21
CA ARG A 150 7.40 -11.70 -7.93
C ARG A 150 6.59 -10.68 -8.71
N GLU A 151 6.13 -11.06 -9.89
CA GLU A 151 5.58 -10.07 -10.82
C GLU A 151 4.16 -10.44 -11.19
N CYS A 152 3.34 -9.45 -11.52
CA CYS A 152 1.97 -9.71 -11.98
C CYS A 152 1.59 -8.70 -13.04
N ASP A 153 0.54 -9.01 -13.80
CA ASP A 153 -0.01 -8.04 -14.73
C ASP A 153 -0.86 -7.03 -13.98
N VAL A 154 -0.77 -5.76 -14.35
CA VAL A 154 -1.70 -4.77 -13.85
C VAL A 154 -2.87 -4.69 -14.84
N GLU A 155 -4.08 -4.90 -14.34
CA GLU A 155 -5.26 -4.86 -15.19
C GLU A 155 -5.67 -3.41 -15.37
N PRO A 156 -6.27 -3.08 -16.54
CA PRO A 156 -6.51 -1.68 -16.91
C PRO A 156 -7.39 -0.96 -15.92
N ASN A 157 -8.28 -1.69 -15.27
CA ASN A 157 -9.17 -1.09 -14.29
C ASN A 157 -8.86 -1.42 -12.84
N ASP A 158 -7.69 -2.02 -12.60
CA ASP A 158 -7.25 -2.32 -11.23
C ASP A 158 -7.28 -1.07 -10.36
N ASN A 159 -7.81 -1.18 -9.15
CA ASN A 159 -7.57 -0.14 -8.15
C ASN A 159 -6.61 -0.67 -7.07
N VAL A 160 -6.28 0.15 -6.07
CA VAL A 160 -5.38 -0.32 -5.02
C VAL A 160 -5.91 -1.62 -4.40
N ASN A 161 -7.18 -1.62 -4.03
CA ASN A 161 -7.77 -2.79 -3.38
C ASN A 161 -7.77 -4.07 -4.22
N SER A 162 -7.99 -3.95 -5.53
CA SER A 162 -8.14 -5.16 -6.35
C SER A 162 -6.81 -5.87 -6.64
N ILE A 163 -5.75 -5.10 -6.90
CA ILE A 163 -4.45 -5.70 -7.16
C ILE A 163 -3.87 -6.24 -5.86
N TYR A 164 -4.13 -5.54 -4.76
CA TYR A 164 -3.70 -6.00 -3.45
C TYR A 164 -4.35 -7.33 -3.08
N LYS A 165 -5.67 -7.39 -3.24
CA LYS A 165 -6.42 -8.59 -2.88
C LYS A 165 -6.11 -9.75 -3.84
N ARG A 166 -6.02 -9.47 -5.14
CA ARG A 166 -5.76 -10.51 -6.11
C ARG A 166 -4.35 -11.10 -6.03
N PHE A 167 -3.36 -10.24 -5.80
CA PHE A 167 -1.97 -10.69 -5.94
C PHE A 167 -1.05 -10.29 -4.80
N LEU A 168 -0.94 -8.99 -4.56
CA LEU A 168 0.06 -8.49 -3.63
C LEU A 168 -0.06 -9.08 -2.24
N PHE A 169 -1.29 -9.28 -1.78
CA PHE A 169 -1.51 -9.83 -0.44
C PHE A 169 -1.26 -11.35 -0.40
N PRO A 170 -2.07 -12.16 -1.13
CA PRO A 170 -1.87 -13.60 -0.95
C PRO A 170 -0.49 -14.09 -1.40
N GLU A 171 0.00 -13.58 -2.52
CA GLU A 171 1.32 -14.02 -3.00
C GLU A 171 2.44 -13.39 -2.21
N GLY A 172 2.17 -12.23 -1.63
CA GLY A 172 3.14 -11.55 -0.78
C GLY A 172 3.39 -12.37 0.47
N VAL A 173 2.33 -12.97 1.02
CA VAL A 173 2.48 -13.85 2.18
C VAL A 173 3.35 -15.05 1.84
N LYS A 174 3.07 -15.68 0.70
CA LYS A 174 3.84 -16.84 0.27
C LYS A 174 5.30 -16.47 -0.01
N GLY A 175 5.52 -15.27 -0.55
CA GLY A 175 6.87 -14.79 -0.81
C GLY A 175 7.66 -14.56 0.46
N MET A 176 7.02 -13.98 1.47
CA MET A 176 7.67 -13.79 2.77
C MET A 176 8.01 -15.12 3.43
N VAL A 177 7.10 -16.09 3.36
CA VAL A 177 7.39 -17.42 3.90
C VAL A 177 8.53 -18.09 3.14
N GLU A 178 8.54 -17.96 1.82
CA GLU A 178 9.60 -18.58 1.03
C GLU A 178 10.95 -17.93 1.31
N ALA A 179 10.96 -16.62 1.50
CA ALA A 179 12.20 -15.91 1.79
C ALA A 179 12.80 -16.47 3.07
N VAL A 180 11.97 -16.67 4.08
CA VAL A 180 12.45 -17.20 5.36
C VAL A 180 12.98 -18.63 5.22
N ARG A 181 12.26 -19.46 4.47
CA ARG A 181 12.74 -20.80 4.13
C ARG A 181 14.12 -20.79 3.43
N LEU A 182 14.32 -19.85 2.51
CA LEU A 182 15.61 -19.76 1.81
C LEU A 182 16.71 -19.36 2.79
N ILE A 183 16.35 -18.49 3.73
CA ILE A 183 17.27 -18.06 4.77
C ILE A 183 17.57 -19.22 5.70
N ALA A 184 16.54 -19.94 6.13
CA ALA A 184 16.73 -21.07 7.05
C ALA A 184 17.56 -22.22 6.47
N THR A 185 17.45 -22.42 5.16
CA THR A 185 18.22 -23.49 4.52
C THR A 185 19.58 -22.96 4.09
N GLY A 186 19.80 -21.68 4.35
CA GLY A 186 21.09 -21.05 4.09
C GLY A 186 21.42 -20.77 2.64
N LYS A 187 20.40 -20.50 1.82
CA LYS A 187 20.55 -20.34 0.37
C LYS A 187 20.07 -18.98 -0.18
N ALA A 188 19.52 -18.13 0.68
CA ALA A 188 18.93 -16.86 0.22
C ALA A 188 19.98 -15.96 -0.41
N PRO A 189 19.64 -15.30 -1.53
CA PRO A 189 20.64 -14.45 -2.19
C PRO A 189 20.56 -13.00 -1.72
N ARG A 190 21.52 -12.20 -2.19
CA ARG A 190 21.51 -10.76 -1.96
C ARG A 190 21.87 -10.12 -3.28
N ILE A 191 20.86 -9.74 -4.04
CA ILE A 191 21.07 -9.14 -5.34
C ILE A 191 20.99 -7.63 -5.20
N LYS A 192 22.09 -6.94 -5.47
CA LYS A 192 22.09 -5.48 -5.36
C LYS A 192 21.09 -4.92 -6.37
N GLN A 193 20.26 -3.97 -5.93
CA GLN A 193 19.28 -3.37 -6.83
C GLN A 193 19.99 -2.64 -7.96
N PRO A 194 19.54 -2.88 -9.21
CA PRO A 194 20.12 -2.17 -10.36
C PRO A 194 19.89 -0.67 -10.22
N GLU A 195 20.78 0.12 -10.77
CA GLU A 195 20.62 1.56 -10.80
C GLU A 195 19.49 1.96 -11.74
N GLU A 196 19.49 1.34 -12.91
CA GLU A 196 18.51 1.64 -13.94
C GLU A 196 17.10 1.28 -13.51
N GLY A 197 16.22 2.28 -13.58
CA GLY A 197 14.80 2.11 -13.35
C GLY A 197 14.36 2.51 -11.96
N ALA A 198 15.32 2.94 -11.13
CA ALA A 198 14.99 3.34 -9.77
C ALA A 198 14.10 4.57 -9.77
N THR A 199 13.04 4.53 -8.95
CA THR A 199 12.24 5.72 -8.69
C THR A 199 11.81 5.70 -7.24
N ALA A 200 11.47 6.88 -6.72
CA ALA A 200 10.88 7.01 -5.40
C ALA A 200 9.83 8.11 -5.44
N GLU A 201 8.70 7.87 -4.78
CA GLU A 201 7.62 8.83 -4.79
C GLU A 201 7.17 9.12 -3.36
N CYS A 202 6.31 10.12 -3.22
CA CYS A 202 5.84 10.53 -1.91
C CYS A 202 4.74 9.61 -1.42
N ILE A 203 4.43 9.73 -0.13
CA ILE A 203 3.34 8.96 0.44
C ILE A 203 2.00 9.64 0.09
N GLN A 204 1.01 8.85 -0.28
CA GLN A 204 -0.30 9.41 -0.63
C GLN A 204 -1.18 9.62 0.60
N LYS A 205 -1.61 10.85 0.82
CA LYS A 205 -2.57 11.12 1.89
C LYS A 205 -3.72 11.88 1.28
N LYS A 206 -4.79 12.11 2.04
CA LYS A 206 -5.98 12.76 1.49
C LYS A 206 -5.64 14.07 0.78
N GLU A 207 -4.84 14.89 1.44
CA GLU A 207 -4.53 16.22 0.94
C GLU A 207 -3.90 16.18 -0.44
N ASN A 208 -2.91 15.31 -0.63
CA ASN A 208 -2.24 15.24 -1.93
C ASN A 208 -2.81 14.20 -2.90
N SER A 209 -4.04 13.77 -2.66
CA SER A 209 -4.73 12.91 -3.60
C SER A 209 -5.81 13.73 -4.30
N LYS A 210 -5.73 15.05 -4.13
CA LYS A 210 -6.66 15.92 -4.82
C LYS A 210 -6.49 15.75 -6.35
N ILE A 211 -7.58 15.74 -7.09
CA ILE A 211 -7.53 15.52 -8.54
C ILE A 211 -7.03 16.78 -9.27
N ASP A 212 -6.07 16.58 -10.17
CA ASP A 212 -5.65 17.61 -11.11
C ASP A 212 -6.40 17.36 -12.41
N TRP A 213 -7.41 18.18 -12.68
CA TRP A 213 -8.27 17.96 -13.85
C TRP A 213 -7.61 18.23 -15.20
N ASN A 214 -6.49 18.95 -15.20
CA ASN A 214 -5.84 19.31 -16.47
C ASN A 214 -4.87 18.23 -16.92
N GLN A 215 -5.44 17.08 -17.27
CA GLN A 215 -4.69 15.92 -17.70
C GLN A 215 -5.59 15.17 -18.66
N PRO A 216 -5.00 14.35 -19.53
CA PRO A 216 -5.87 13.54 -20.38
C PRO A 216 -6.73 12.57 -19.55
N ALA A 217 -7.77 12.02 -20.15
CA ALA A 217 -8.69 11.14 -19.44
C ALA A 217 -7.99 9.91 -18.83
N GLU A 218 -7.05 9.34 -19.56
CA GLU A 218 -6.39 8.11 -19.11
C GLU A 218 -5.59 8.41 -17.84
N ALA A 219 -5.00 9.59 -17.79
CA ALA A 219 -4.24 10.01 -16.61
C ALA A 219 -5.15 10.18 -15.40
N ILE A 220 -6.36 10.70 -15.64
CA ILE A 220 -7.30 10.94 -14.55
C ILE A 220 -7.82 9.60 -14.03
N HIS A 221 -8.11 8.71 -14.97
CA HIS A 221 -8.49 7.34 -14.64
C HIS A 221 -7.42 6.64 -13.77
N ASN A 222 -6.17 6.74 -14.21
CA ASN A 222 -5.06 6.20 -13.41
C ASN A 222 -4.96 6.83 -12.01
N TRP A 223 -5.12 8.16 -11.95
CA TRP A 223 -5.06 8.85 -10.66
C TRP A 223 -6.18 8.39 -9.73
N ILE A 224 -7.39 8.28 -10.27
CA ILE A 224 -8.51 7.81 -9.47
C ILE A 224 -8.35 6.38 -8.97
N ARG A 225 -8.09 5.45 -9.87
CA ARG A 225 -7.97 4.05 -9.46
C ARG A 225 -6.74 3.85 -8.57
N GLY A 226 -5.71 4.68 -8.79
CA GLY A 226 -4.47 4.62 -8.01
C GLY A 226 -4.62 5.13 -6.59
N ASN A 227 -5.72 5.82 -6.31
CA ASN A 227 -6.01 6.26 -4.94
C ASN A 227 -7.29 5.66 -4.34
N ASP A 228 -7.81 4.63 -5.00
CA ASP A 228 -9.07 3.96 -4.64
C ASP A 228 -8.70 2.59 -4.05
N ARG A 229 -8.99 2.33 -2.77
CA ARG A 229 -9.90 3.11 -1.91
C ARG A 229 -9.24 4.22 -1.10
N VAL A 230 -7.97 4.04 -0.76
CA VAL A 230 -7.30 5.01 0.10
C VAL A 230 -6.08 5.63 -0.57
N PRO A 231 -5.89 6.93 -0.35
CA PRO A 231 -6.74 7.79 0.48
C PRO A 231 -8.06 8.23 -0.17
N GLY A 232 -8.25 8.03 -1.46
CA GLY A 232 -9.48 8.48 -2.10
C GLY A 232 -9.28 9.77 -2.88
N ALA A 233 -9.17 9.67 -4.19
CA ALA A 233 -9.06 10.84 -5.05
C ALA A 233 -10.30 11.70 -4.86
N TRP A 234 -10.13 13.02 -4.92
CA TRP A 234 -11.24 13.92 -4.60
C TRP A 234 -11.15 15.26 -5.30
N ALA A 235 -12.28 15.96 -5.33
CA ALA A 235 -12.33 17.29 -5.91
C ALA A 235 -13.48 18.08 -5.31
N GLU A 236 -13.41 19.39 -5.47
CA GLU A 236 -14.50 20.25 -4.99
C GLU A 236 -15.66 20.17 -5.97
N ILE A 237 -16.86 19.90 -5.46
CA ILE A 237 -18.08 20.06 -6.25
C ILE A 237 -19.11 20.79 -5.38
N ASP A 238 -19.54 21.98 -5.82
CA ASP A 238 -20.56 22.74 -5.10
C ASP A 238 -20.17 22.92 -3.66
N GLY A 239 -18.97 23.42 -3.43
CA GLY A 239 -18.52 23.71 -2.08
C GLY A 239 -18.05 22.51 -1.27
N LYS A 240 -18.50 21.31 -1.64
CA LYS A 240 -18.16 20.10 -0.91
C LYS A 240 -16.97 19.37 -1.54
N SER A 241 -16.12 18.81 -0.68
CA SER A 241 -15.10 17.86 -1.10
C SER A 241 -15.71 16.48 -1.41
N VAL A 242 -15.63 16.05 -2.66
CA VAL A 242 -16.24 14.78 -3.08
C VAL A 242 -15.17 13.79 -3.55
N SER A 243 -15.21 12.56 -3.03
CA SER A 243 -14.28 11.49 -3.42
C SER A 243 -14.85 10.59 -4.53
N PHE A 244 -13.97 10.10 -5.40
CA PHE A 244 -14.37 9.37 -6.60
C PHE A 244 -13.80 7.95 -6.55
N TYR A 245 -14.67 6.95 -6.72
CA TYR A 245 -14.24 5.56 -6.70
C TYR A 245 -14.80 4.81 -7.89
N GLY A 246 -14.06 3.83 -8.40
CA GLY A 246 -14.58 2.95 -9.42
C GLY A 246 -14.56 3.53 -10.82
N SER A 247 -13.36 3.84 -11.31
CA SER A 247 -13.18 4.47 -12.61
C SER A 247 -13.01 3.43 -13.73
N THR A 248 -13.58 3.71 -14.91
CA THR A 248 -13.24 2.99 -16.13
C THR A 248 -13.12 3.97 -17.27
N LEU A 249 -12.37 3.63 -18.31
CA LEU A 249 -12.31 4.50 -19.48
C LEU A 249 -13.53 4.25 -20.36
N LEU A 250 -14.07 5.31 -20.94
CA LEU A 250 -15.33 5.25 -21.67
C LEU A 250 -15.09 5.72 -23.08
N GLU A 251 -15.24 4.81 -24.03
CA GLU A 251 -14.95 5.11 -25.43
C GLU A 251 -16.15 5.62 -26.23
N ASN A 252 -17.04 4.70 -26.56
CA ASN A 252 -18.10 4.95 -27.51
C ASN A 252 -19.47 4.45 -27.00
N ASP A 253 -20.55 5.07 -27.47
CA ASP A 253 -20.52 6.01 -28.58
C ASP A 253 -20.18 7.48 -28.28
N HIS A 254 -21.20 8.31 -28.18
CA HIS A 254 -21.03 9.75 -28.30
C HIS A 254 -20.30 10.55 -27.19
N PHE A 255 -20.71 10.52 -25.91
CA PHE A 255 -21.77 9.69 -25.33
C PHE A 255 -22.14 10.22 -23.94
N SER A 256 -23.42 10.17 -23.58
CA SER A 256 -24.50 10.00 -24.52
C SER A 256 -25.13 11.38 -24.55
N SER A 257 -24.51 12.27 -23.77
CA SER A 257 -25.00 13.61 -23.52
C SER A 257 -26.47 13.59 -23.11
N ASN A 258 -26.85 12.50 -22.46
CA ASN A 258 -28.21 12.26 -21.98
C ASN A 258 -28.17 12.26 -20.46
N GLY A 259 -27.03 12.65 -19.92
CA GLY A 259 -26.93 12.84 -18.49
C GLY A 259 -27.37 14.25 -18.12
N GLN A 260 -27.52 14.49 -16.83
CA GLN A 260 -27.73 15.84 -16.36
C GLN A 260 -26.34 16.44 -16.21
N PRO A 261 -26.15 17.67 -16.70
CA PRO A 261 -24.83 18.28 -16.56
C PRO A 261 -24.53 18.52 -15.10
N LEU A 262 -23.25 18.44 -14.74
CA LEU A 262 -22.82 18.70 -13.38
C LEU A 262 -21.54 19.50 -13.44
N GLU A 263 -21.56 20.71 -12.90
CA GLU A 263 -20.40 21.55 -13.02
C GLU A 263 -19.37 21.23 -11.95
N ILE A 264 -18.13 21.10 -12.38
CA ILE A 264 -17.02 20.80 -11.50
C ILE A 264 -15.95 21.84 -11.74
N PRO A 265 -15.70 22.70 -10.73
CA PRO A 265 -14.73 23.79 -10.88
C PRO A 265 -13.37 23.23 -11.29
N GLY A 266 -12.83 23.74 -12.38
CA GLY A 266 -11.52 23.33 -12.85
C GLY A 266 -11.56 22.19 -13.86
N ALA A 267 -12.69 21.50 -13.93
CA ALA A 267 -12.83 20.41 -14.92
C ALA A 267 -12.78 20.99 -16.34
N SER A 268 -12.21 20.23 -17.28
CA SER A 268 -12.06 20.73 -18.66
C SER A 268 -13.39 21.14 -19.25
N ARG A 269 -14.45 20.42 -18.88
CA ARG A 269 -15.83 20.83 -19.14
C ARG A 269 -16.73 20.12 -18.14
N ALA A 270 -18.01 20.52 -18.09
CA ALA A 270 -18.93 19.96 -17.11
C ALA A 270 -19.08 18.44 -17.24
N ALA A 271 -19.23 17.77 -16.11
CA ALA A 271 -19.47 16.34 -16.07
C ALA A 271 -20.92 16.00 -16.47
N LEU A 272 -21.18 14.71 -16.67
CA LEU A 272 -22.53 14.23 -16.94
C LEU A 272 -22.95 13.14 -15.96
N VAL A 273 -24.05 13.35 -15.25
CA VAL A 273 -24.63 12.30 -14.40
C VAL A 273 -25.51 11.38 -15.23
N THR A 274 -25.11 10.13 -15.40
CA THR A 274 -25.84 9.19 -16.24
C THR A 274 -26.30 7.99 -15.44
N LYS A 275 -27.19 7.20 -16.02
CA LYS A 275 -27.70 6.00 -15.33
C LYS A 275 -26.59 5.03 -14.94
N ASN A 276 -25.47 5.09 -15.65
CA ASN A 276 -24.34 4.21 -15.35
C ASN A 276 -23.24 4.82 -14.48
N GLY A 277 -23.41 6.09 -14.09
CA GLY A 277 -22.41 6.74 -13.27
C GLY A 277 -22.06 8.14 -13.75
N LEU A 278 -21.02 8.70 -13.17
CA LEU A 278 -20.57 10.06 -13.51
C LEU A 278 -19.57 10.06 -14.67
N VAL A 279 -19.97 10.57 -15.83
CA VAL A 279 -19.03 10.74 -16.94
C VAL A 279 -18.20 12.01 -16.73
N LEU A 280 -16.87 11.87 -16.78
CA LEU A 280 -15.93 12.99 -16.61
C LEU A 280 -15.07 13.13 -17.87
N PHE A 281 -14.65 14.35 -18.20
CA PHE A 281 -13.84 14.59 -19.41
C PHE A 281 -12.41 15.01 -19.06
N GLY A 282 -11.43 14.46 -19.76
CA GLY A 282 -10.05 14.87 -19.58
C GLY A 282 -9.77 16.09 -20.45
N ASN A 283 -8.56 16.66 -20.37
CA ASN A 283 -8.23 17.82 -21.21
C ASN A 283 -7.96 17.47 -22.66
N ASP A 284 -8.23 16.22 -23.05
CA ASP A 284 -7.93 15.74 -24.40
C ASP A 284 -9.21 15.38 -25.12
N GLY A 285 -10.35 15.74 -24.52
CA GLY A 285 -11.64 15.52 -25.15
C GLY A 285 -12.19 14.12 -24.89
N LYS A 286 -11.42 13.30 -24.20
CA LYS A 286 -11.82 11.92 -23.95
C LYS A 286 -12.49 11.74 -22.57
N MET A 287 -13.14 10.60 -22.37
CA MET A 287 -14.01 10.40 -21.21
C MET A 287 -13.61 9.24 -20.29
N LEU A 288 -13.94 9.37 -19.01
CA LEU A 288 -13.88 8.25 -18.06
C LEU A 288 -15.23 8.20 -17.37
N LEU A 289 -15.54 7.07 -16.73
CA LEU A 289 -16.80 6.89 -16.01
C LEU A 289 -16.51 6.57 -14.55
N VAL A 290 -17.15 7.27 -13.62
CA VAL A 290 -16.94 7.00 -12.19
C VAL A 290 -18.21 6.44 -11.56
N LYS A 291 -18.09 5.25 -10.97
CA LYS A 291 -19.24 4.50 -10.48
C LYS A 291 -19.82 5.03 -9.17
N ASN A 292 -18.93 5.35 -8.24
CA ASN A 292 -19.34 5.71 -6.89
C ASN A 292 -18.74 7.03 -6.43
N LEU A 293 -19.50 7.77 -5.63
CA LEU A 293 -19.04 9.03 -5.05
C LEU A 293 -19.20 8.98 -3.53
N GLN A 294 -18.48 9.85 -2.85
CA GLN A 294 -18.54 9.91 -1.39
C GLN A 294 -18.28 11.33 -0.89
N PHE A 295 -19.07 11.78 0.07
CA PHE A 295 -18.87 13.09 0.67
C PHE A 295 -18.19 12.91 2.04
N GLU A 296 -17.68 13.98 2.62
CA GLU A 296 -17.09 13.88 3.95
C GLU A 296 -18.13 13.46 4.97
N ASP A 297 -17.76 12.52 5.85
CA ASP A 297 -18.73 11.92 6.78
C ASP A 297 -19.99 11.54 6.02
N GLY A 298 -19.84 10.62 5.09
CA GLY A 298 -20.96 10.20 4.26
C GLY A 298 -20.73 8.79 3.75
N LYS A 299 -21.79 8.17 3.26
CA LYS A 299 -21.66 6.86 2.66
C LYS A 299 -21.35 6.99 1.18
N MET A 300 -20.82 5.92 0.61
CA MET A 300 -20.75 5.77 -0.83
C MET A 300 -22.14 5.97 -1.42
N ILE A 301 -22.25 6.76 -2.50
CA ILE A 301 -23.47 6.82 -3.30
C ILE A 301 -23.09 6.56 -4.76
N PRO A 302 -23.96 5.86 -5.52
CA PRO A 302 -23.66 5.67 -6.95
C PRO A 302 -23.62 7.02 -7.66
N GLY A 303 -22.70 7.18 -8.61
CA GLY A 303 -22.62 8.44 -9.34
C GLY A 303 -23.92 8.79 -10.05
N SER A 304 -24.64 7.75 -10.46
CA SER A 304 -25.94 7.90 -11.13
C SER A 304 -26.96 8.64 -10.25
N GLN A 305 -26.72 8.61 -8.94
CA GLN A 305 -27.68 9.11 -7.98
C GLN A 305 -27.36 10.51 -7.47
N TYR A 306 -26.39 11.20 -8.09
CA TYR A 306 -25.94 12.49 -7.56
C TYR A 306 -27.08 13.48 -7.29
N PHE A 307 -28.05 13.50 -8.18
CA PHE A 307 -29.16 14.44 -8.07
C PHE A 307 -30.39 13.91 -7.32
N LYS A 308 -30.24 12.82 -6.59
CA LYS A 308 -31.35 12.26 -5.80
C LYS A 308 -30.83 11.44 -4.63
#